data_5HE9
#
_entry.id   5HE9
#
_cell.length_a   73.173
_cell.length_b   73.173
_cell.length_c   189.727
_cell.angle_alpha   90.00
_cell.angle_beta   90.00
_cell.angle_gamma   120.00
#
_symmetry.space_group_name_H-M   'P 65 2 2'
#
loop_
_entity.id
_entity.type
_entity.pdbx_description
1 polymer 'Helicase loader'
2 polymer 'Phage inhibitor protein'
3 non-polymer "ADENOSINE-5'-DIPHOSPHATE"
4 non-polymer 'BERYLLIUM TRIFLUORIDE ION'
5 non-polymer 'MAGNESIUM ION'
6 water water
#
loop_
_entity_poly.entity_id
_entity_poly.type
_entity_poly.pdbx_seq_one_letter_code
_entity_poly.pdbx_strand_id
1 'polypeptide(L)'
;SNADRLDVA(MSE)AADDICTAITNGEQVKGLYLYGPFGTGKSFILGAIANQLKSKKVRSTIIYLPEFIRTLKGGFKDGS
FEKKLHRVREANIL(MSE)LDDIGAEEVTPWVRDEVIGPLLHYR(MSE)VHELPTFFSSNFDYSELEHHLA(MSE)TRDG
EEKTKAARIIERVKSLSTPYFLSGENFRNN
;
A
2 'polypeptide(L)' SNAMMVTKEFLKTKLECSDMYAQKLIDEAQGDENRLYDLFIQKLAERHTRPAIVEY E
#
# COMPACT_ATOMS: atom_id res chain seq x y z
N SER A 1 -20.70 -1.77 -7.62
CA SER A 1 -19.51 -0.96 -7.33
C SER A 1 -19.84 0.52 -7.30
N ASN A 2 -20.92 0.93 -7.96
CA ASN A 2 -21.37 2.29 -7.77
C ASN A 2 -21.59 2.47 -6.27
N ALA A 3 -22.21 1.48 -5.63
CA ALA A 3 -22.45 1.53 -4.19
C ALA A 3 -21.12 1.58 -3.40
N ASP A 4 -20.16 0.76 -3.80
CA ASP A 4 -18.79 0.80 -3.25
C ASP A 4 -18.21 2.20 -3.32
N ARG A 5 -18.38 2.80 -4.50
CA ARG A 5 -17.83 4.10 -4.81
C ARG A 5 -18.52 5.17 -3.99
N LEU A 6 -19.83 5.05 -3.86
CA LEU A 6 -20.60 6.01 -3.07
C LEU A 6 -20.13 5.92 -1.60
N ASP A 7 -19.98 4.69 -1.11
CA ASP A 7 -19.60 4.50 0.30
C ASP A 7 -18.22 5.10 0.57
N VAL A 8 -17.29 4.81 -0.32
CA VAL A 8 -15.95 5.33 -0.16
C VAL A 8 -15.95 6.86 -0.34
N ALA A 9 -16.76 7.37 -1.26
CA ALA A 9 -16.83 8.82 -1.44
C ALA A 9 -17.33 9.51 -0.19
N ALA A 11 -17.14 8.30 2.78
CA ALA A 11 -16.08 8.08 3.78
C ALA A 11 -14.98 9.15 3.64
N ALA A 12 -14.52 9.35 2.40
CA ALA A 12 -13.46 10.32 2.13
C ALA A 12 -13.94 11.76 2.44
N ASP A 13 -15.16 12.09 2.01
CA ASP A 13 -15.71 13.39 2.34
C ASP A 13 -15.74 13.62 3.86
N ASP A 14 -16.30 12.66 4.60
CA ASP A 14 -16.41 12.80 6.04
C ASP A 14 -15.04 12.96 6.67
N ILE A 15 -14.11 12.12 6.22
CA ILE A 15 -12.77 12.11 6.81
C ILE A 15 -12.07 13.46 6.56
N CYS A 16 -12.17 13.97 5.32
CA CYS A 16 -11.55 15.27 5.01
C CYS A 16 -12.19 16.41 5.80
N THR A 17 -13.51 16.41 5.89
CA THR A 17 -14.20 17.44 6.64
C THR A 17 -13.79 17.38 8.12
N ALA A 18 -13.75 16.18 8.70
CA ALA A 18 -13.35 16.05 10.09
C ALA A 18 -11.91 16.49 10.32
N ILE A 19 -11.00 16.02 9.48
CA ILE A 19 -9.60 16.42 9.58
C ILE A 19 -9.46 17.93 9.53
N THR A 20 -10.13 18.56 8.57
CA THR A 20 -10.05 20.01 8.43
C THR A 20 -10.61 20.70 9.67
N ASN A 21 -11.59 20.08 10.32
CA ASN A 21 -12.16 20.66 11.52
C ASN A 21 -11.36 20.28 12.77
N GLY A 22 -10.20 19.66 12.57
CA GLY A 22 -9.29 19.37 13.65
C GLY A 22 -9.73 18.21 14.53
N GLU A 23 -10.54 17.30 13.99
CA GLU A 23 -11.02 16.16 14.77
C GLU A 23 -10.10 14.96 14.62
N GLN A 24 -10.25 14.02 15.55
CA GLN A 24 -9.58 12.74 15.48
C GLN A 24 -10.26 11.85 14.46
N VAL A 25 -9.49 11.32 13.52
CA VAL A 25 -10.05 10.40 12.53
C VAL A 25 -9.20 9.14 12.43
N LYS A 26 -9.81 8.12 11.86
CA LYS A 26 -9.14 6.87 11.52
C LYS A 26 -9.08 6.75 9.98
N GLY A 27 -7.91 6.41 9.44
CA GLY A 27 -7.76 6.28 8.00
C GLY A 27 -8.53 5.13 7.37
N LEU A 28 -8.58 5.15 6.05
CA LEU A 28 -9.22 4.10 5.27
C LEU A 28 -8.22 3.05 4.82
N TYR A 29 -8.65 1.80 4.80
CA TYR A 29 -7.92 0.73 4.16
C TYR A 29 -8.74 0.35 2.91
N LEU A 30 -8.30 0.84 1.76
CA LEU A 30 -8.99 0.62 0.49
C LEU A 30 -8.41 -0.60 -0.18
N TYR A 31 -9.24 -1.59 -0.48
CA TYR A 31 -8.72 -2.75 -1.14
C TYR A 31 -9.65 -3.27 -2.19
N GLY A 32 -9.09 -4.07 -3.08
CA GLY A 32 -9.83 -4.63 -4.18
C GLY A 32 -8.98 -4.87 -5.43
N PRO A 33 -9.63 -5.31 -6.52
CA PRO A 33 -8.95 -5.64 -7.76
C PRO A 33 -8.19 -4.47 -8.38
N PHE A 34 -7.28 -4.81 -9.30
CA PHE A 34 -6.42 -3.83 -9.94
C PHE A 34 -7.25 -2.83 -10.72
N GLY A 35 -6.88 -1.57 -10.61
CA GLY A 35 -7.43 -0.51 -11.44
C GLY A 35 -8.81 0.00 -11.09
N THR A 36 -9.23 -0.16 -9.83
CA THR A 36 -10.56 0.31 -9.45
C THR A 36 -10.56 1.73 -8.92
N GLY A 37 -9.38 2.34 -8.79
CA GLY A 37 -9.29 3.75 -8.41
C GLY A 37 -8.91 3.99 -6.96
N LYS A 38 -8.27 3.02 -6.33
CA LYS A 38 -7.86 3.15 -4.94
C LYS A 38 -6.77 4.25 -4.76
N SER A 39 -5.71 4.16 -5.56
CA SER A 39 -4.65 5.14 -5.50
C SER A 39 -5.16 6.53 -5.88
N PHE A 40 -6.05 6.54 -6.87
CA PHE A 40 -6.67 7.78 -7.31
C PHE A 40 -7.40 8.48 -6.17
N ILE A 41 -8.16 7.71 -5.42
CA ILE A 41 -8.89 8.27 -4.28
C ILE A 41 -7.94 8.71 -3.18
N LEU A 42 -6.90 7.94 -2.91
CA LEU A 42 -5.93 8.45 -1.94
C LEU A 42 -5.35 9.82 -2.39
N GLY A 43 -5.02 9.91 -3.67
CA GLY A 43 -4.61 11.19 -4.26
C GLY A 43 -5.64 12.30 -4.17
N ALA A 44 -6.92 11.94 -4.36
CA ALA A 44 -8.00 12.92 -4.24
C ALA A 44 -8.13 13.43 -2.80
N ILE A 45 -8.00 12.52 -1.85
CA ILE A 45 -7.98 12.94 -0.46
C ILE A 45 -6.80 13.88 -0.19
N ALA A 46 -5.60 13.48 -0.59
CA ALA A 46 -4.44 14.36 -0.39
C ALA A 46 -4.65 15.74 -0.99
N ASN A 47 -5.13 15.78 -2.24
CA ASN A 47 -5.39 17.07 -2.88
C ASN A 47 -6.51 17.90 -2.25
N GLN A 48 -7.57 17.22 -1.79
CA GLN A 48 -8.64 17.89 -1.06
C GLN A 48 -8.08 18.53 0.20
N LEU A 49 -7.29 17.78 0.94
CA LEU A 49 -6.68 18.35 2.15
C LEU A 49 -5.75 19.52 1.80
N LYS A 50 -4.98 19.34 0.75
CA LYS A 50 -4.07 20.38 0.30
C LYS A 50 -4.85 21.66 0.00
N SER A 51 -6.04 21.51 -0.60
CA SER A 51 -6.85 22.67 -0.93
C SER A 51 -7.26 23.45 0.32
N LYS A 52 -7.28 22.76 1.46
CA LYS A 52 -7.64 23.37 2.74
C LYS A 52 -6.41 23.67 3.60
N LYS A 53 -5.24 23.65 2.97
CA LYS A 53 -3.97 23.98 3.64
C LYS A 53 -3.59 22.95 4.72
N VAL A 54 -4.04 21.72 4.53
CA VAL A 54 -3.70 20.60 5.39
C VAL A 54 -2.70 19.71 4.68
N ARG A 55 -1.60 19.41 5.35
CA ARG A 55 -0.52 18.63 4.78
C ARG A 55 -0.77 17.14 4.88
N SER A 56 -0.31 16.39 3.89
CA SER A 56 -0.32 14.93 3.97
C SER A 56 0.74 14.38 3.04
N THR A 57 1.08 13.11 3.28
CA THR A 57 2.13 12.44 2.52
C THR A 57 1.66 11.10 1.99
N ILE A 58 1.97 10.81 0.73
CA ILE A 58 1.65 9.53 0.15
C ILE A 58 2.93 8.81 -0.18
N ILE A 59 3.13 7.68 0.47
CA ILE A 59 4.21 6.76 0.16
C ILE A 59 3.75 5.73 -0.85
N TYR A 60 4.50 5.61 -1.93
CA TYR A 60 4.31 4.51 -2.86
C TYR A 60 5.18 3.37 -2.40
N LEU A 61 4.59 2.34 -1.81
CA LEU A 61 5.38 1.41 -1.00
C LEU A 61 6.43 0.60 -1.81
N PRO A 62 6.08 0.12 -3.01
CA PRO A 62 7.13 -0.64 -3.72
C PRO A 62 8.46 0.15 -3.90
N GLU A 63 8.36 1.42 -4.27
CA GLU A 63 9.57 2.21 -4.52
C GLU A 63 10.23 2.64 -3.20
N PHE A 64 9.42 2.89 -2.19
CA PHE A 64 9.91 3.17 -0.84
C PHE A 64 10.80 2.02 -0.36
N ILE A 65 10.26 0.82 -0.46
CA ILE A 65 10.99 -0.35 -0.02
C ILE A 65 12.21 -0.58 -0.92
N ARG A 66 12.06 -0.42 -2.23
CA ARG A 66 13.18 -0.59 -3.14
C ARG A 66 14.33 0.37 -2.80
N THR A 67 13.99 1.62 -2.53
CA THR A 67 15.01 2.61 -2.18
C THR A 67 15.69 2.22 -0.87
N LEU A 68 14.90 1.88 0.15
CA LEU A 68 15.50 1.45 1.42
C LEU A 68 16.41 0.23 1.23
N LYS A 69 15.93 -0.75 0.47
CA LYS A 69 16.65 -2.00 0.28
C LYS A 69 17.95 -1.76 -0.45
N GLY A 70 17.90 -0.94 -1.50
CA GLY A 70 19.06 -0.65 -2.30
C GLY A 70 20.09 0.25 -1.65
N GLY A 71 19.70 0.97 -0.64
CA GLY A 71 20.56 1.94 -0.02
C GLY A 71 20.45 3.35 -0.57
N PHE A 72 20.70 4.30 0.29
CA PHE A 72 20.62 5.70 -0.03
C PHE A 72 21.48 6.54 0.90
N LYS A 73 21.85 7.72 0.43
CA LYS A 73 22.52 8.77 1.19
C LYS A 73 22.03 10.18 0.80
N ASP A 74 21.55 11.00 1.70
CA ASP A 74 21.47 12.45 1.45
C ASP A 74 20.94 12.90 0.12
N GLY A 75 19.69 12.84 -0.02
CA GLY A 75 19.05 13.57 -1.08
C GLY A 75 17.69 13.87 -0.64
N SER A 76 16.82 13.98 -1.61
CA SER A 76 15.44 14.21 -1.31
C SER A 76 14.86 13.06 -0.50
N PHE A 77 15.21 11.82 -0.82
CA PHE A 77 14.65 10.68 -0.14
C PHE A 77 14.99 10.68 1.33
N GLU A 78 16.23 10.95 1.67
CA GLU A 78 16.61 10.88 3.08
C GLU A 78 15.89 11.97 3.81
N LYS A 79 15.92 13.17 3.22
CA LYS A 79 15.22 14.26 3.90
C LYS A 79 13.73 13.89 4.12
N LYS A 80 13.07 13.41 3.07
CA LYS A 80 11.64 13.08 3.23
C LYS A 80 11.40 11.88 4.17
N LEU A 81 12.29 10.90 4.13
CA LEU A 81 12.17 9.70 4.94
C LEU A 81 12.15 10.05 6.42
N HIS A 82 13.02 10.97 6.82
CA HIS A 82 13.03 11.37 8.23
C HIS A 82 11.75 12.06 8.76
N ARG A 83 10.79 12.38 7.88
CA ARG A 83 9.52 13.04 8.29
C ARG A 83 8.30 12.11 8.31
N VAL A 84 8.43 10.94 7.68
CA VAL A 84 7.28 10.11 7.35
C VAL A 84 6.58 9.53 8.59
N ARG A 85 7.37 9.02 9.53
CA ARG A 85 6.80 8.37 10.71
C ARG A 85 5.88 9.32 11.47
N GLU A 86 6.26 10.59 11.57
CA GLU A 86 5.47 11.54 12.32
C GLU A 86 4.70 12.54 11.43
N ALA A 87 4.53 12.21 10.15
CA ALA A 87 3.67 13.00 9.28
C ALA A 87 2.29 13.10 9.87
N ASN A 88 1.63 14.25 9.72
CA ASN A 88 0.34 14.42 10.37
C ASN A 88 -0.69 13.49 9.73
N ILE A 89 -0.57 13.28 8.43
CA ILE A 89 -1.46 12.39 7.69
C ILE A 89 -0.61 11.58 6.71
N LEU A 90 -0.65 10.25 6.87
CA LEU A 90 0.18 9.38 6.05
C LEU A 90 -0.65 8.36 5.30
N LEU A 92 -0.13 4.87 2.87
CA LEU A 92 0.71 3.80 2.34
C LEU A 92 -0.03 3.17 1.15
N ASP A 93 0.40 3.63 -0.02
CA ASP A 93 -0.23 3.27 -1.29
C ASP A 93 0.38 1.98 -1.85
N ASP A 94 -0.49 1.01 -2.07
CA ASP A 94 -0.12 -0.30 -2.65
C ASP A 94 0.77 -1.16 -1.75
N ILE A 95 0.44 -1.21 -0.46
CA ILE A 95 0.99 -2.23 0.41
C ILE A 95 0.51 -3.58 -0.12
N GLY A 96 1.43 -4.53 -0.19
CA GLY A 96 1.17 -5.79 -0.85
C GLY A 96 1.93 -5.95 -2.15
N ALA A 97 2.28 -4.83 -2.77
CA ALA A 97 2.97 -4.82 -4.07
C ALA A 97 4.49 -4.69 -3.92
N GLU A 98 4.95 -4.47 -2.69
CA GLU A 98 6.38 -4.32 -2.45
C GLU A 98 7.05 -5.69 -2.32
N GLU A 99 8.36 -5.69 -2.49
CA GLU A 99 9.19 -6.85 -2.20
C GLU A 99 9.33 -6.99 -0.70
N VAL A 100 9.00 -8.15 -0.16
CA VAL A 100 9.03 -8.33 1.30
C VAL A 100 10.46 -8.53 1.77
N THR A 101 10.91 -7.63 2.63
CA THR A 101 12.28 -7.59 3.11
C THR A 101 12.22 -7.46 4.63
N PRO A 102 12.47 -8.56 5.34
CA PRO A 102 12.26 -8.57 6.79
C PRO A 102 12.86 -7.38 7.52
N TRP A 103 14.08 -6.97 7.20
CA TRP A 103 14.69 -5.90 7.99
C TRP A 103 13.94 -4.60 7.76
N VAL A 104 13.44 -4.38 6.55
CA VAL A 104 12.67 -3.17 6.28
C VAL A 104 11.31 -3.27 6.95
N ARG A 105 10.66 -4.41 6.82
CA ARG A 105 9.39 -4.65 7.48
C ARG A 105 9.48 -4.40 8.99
N ASP A 106 10.53 -4.93 9.62
CA ASP A 106 10.63 -4.92 11.08
C ASP A 106 11.36 -3.71 11.68
N GLU A 107 12.28 -3.10 10.94
CA GLU A 107 13.01 -1.95 11.47
C GLU A 107 12.41 -0.62 11.04
N VAL A 108 11.67 -0.60 9.92
CA VAL A 108 11.09 0.65 9.44
C VAL A 108 9.55 0.69 9.52
N ILE A 109 8.91 -0.23 8.81
CA ILE A 109 7.45 -0.23 8.73
C ILE A 109 6.75 -0.52 10.07
N GLY A 110 7.19 -1.56 10.75
CA GLY A 110 6.55 -1.98 11.99
C GLY A 110 6.58 -0.89 13.04
N PRO A 111 7.79 -0.36 13.32
CA PRO A 111 7.90 0.75 14.27
C PRO A 111 7.11 1.99 13.85
N LEU A 112 7.09 2.27 12.55
CA LEU A 112 6.32 3.39 12.03
C LEU A 112 4.84 3.21 12.36
N LEU A 113 4.34 2.02 12.06
CA LEU A 113 2.94 1.72 12.33
C LEU A 113 2.64 1.72 13.83
N HIS A 114 3.57 1.22 14.64
CA HIS A 114 3.34 1.25 16.08
C HIS A 114 3.24 2.70 16.59
N TYR A 115 4.17 3.53 16.11
CA TYR A 115 4.16 4.94 16.46
C TYR A 115 2.83 5.61 16.10
N ARG A 116 2.41 5.40 14.86
CA ARG A 116 1.20 6.06 14.42
C ARG A 116 -0.03 5.48 15.15
N VAL A 118 -0.05 4.33 18.40
CA VAL A 118 -0.16 4.81 19.76
C VAL A 118 -0.38 6.31 19.83
N HIS A 119 0.05 7.04 18.80
CA HIS A 119 -0.22 8.48 18.81
C HIS A 119 -1.45 8.86 18.00
N GLU A 120 -2.17 7.86 17.50
CA GLU A 120 -3.41 8.09 16.75
C GLU A 120 -3.21 9.09 15.60
N LEU A 121 -2.20 8.82 14.79
CA LEU A 121 -1.95 9.63 13.62
C LEU A 121 -2.66 8.98 12.43
N PRO A 122 -3.51 9.75 11.74
CA PRO A 122 -4.24 9.13 10.62
C PRO A 122 -3.34 8.51 9.57
N THR A 123 -3.67 7.25 9.29
CA THR A 123 -2.89 6.44 8.37
C THR A 123 -3.86 5.70 7.44
N PHE A 124 -3.67 5.93 6.14
CA PHE A 124 -4.44 5.31 5.07
C PHE A 124 -3.63 4.24 4.35
N PHE A 125 -4.34 3.34 3.69
CA PHE A 125 -3.72 2.24 2.97
C PHE A 125 -4.46 1.95 1.68
N SER A 126 -3.73 1.49 0.67
CA SER A 126 -4.42 0.78 -0.41
C SER A 126 -3.71 -0.53 -0.68
N SER A 127 -4.48 -1.53 -1.10
CA SER A 127 -3.93 -2.86 -1.31
C SER A 127 -4.81 -3.66 -2.26
N ASN A 128 -4.22 -4.66 -2.92
CA ASN A 128 -5.03 -5.65 -3.61
C ASN A 128 -5.47 -6.77 -2.66
N PHE A 129 -4.93 -6.75 -1.44
CA PHE A 129 -5.23 -7.78 -0.44
C PHE A 129 -6.18 -7.30 0.66
N ASP A 130 -6.99 -8.21 1.21
CA ASP A 130 -7.73 -7.94 2.44
C ASP A 130 -6.76 -8.20 3.58
N TYR A 131 -7.15 -7.92 4.81
CA TYR A 131 -6.21 -7.97 5.93
C TYR A 131 -5.56 -9.35 6.10
N SER A 132 -6.38 -10.39 5.93
N SER A 132 -6.37 -10.40 5.93
CA SER A 132 -5.91 -11.78 6.08
CA SER A 132 -5.90 -11.76 6.10
C SER A 132 -4.83 -12.11 5.06
C SER A 132 -4.83 -12.13 5.07
N GLU A 133 -5.15 -11.81 3.81
CA GLU A 133 -4.21 -12.02 2.71
C GLU A 133 -2.94 -11.21 2.91
N LEU A 134 -3.09 -9.98 3.37
CA LEU A 134 -1.91 -9.13 3.55
C LEU A 134 -1.05 -9.73 4.64
N GLU A 135 -1.68 -10.23 5.70
CA GLU A 135 -0.92 -10.83 6.78
C GLU A 135 -0.12 -12.00 6.22
N HIS A 136 -0.74 -12.80 5.36
CA HIS A 136 0.03 -13.88 4.77
C HIS A 136 1.18 -13.39 3.86
N HIS A 137 0.90 -12.39 3.02
CA HIS A 137 1.94 -11.77 2.18
C HIS A 137 3.14 -11.28 3.01
N LEU A 138 2.87 -10.71 4.17
CA LEU A 138 3.93 -10.15 4.99
C LEU A 138 4.92 -11.18 5.59
N ALA A 139 4.56 -12.44 5.57
CA ALA A 139 5.41 -13.46 6.09
C ALA A 139 6.26 -14.07 4.98
N THR A 141 8.32 -16.48 5.16
CA THR A 141 8.24 -17.92 5.24
C THR A 141 7.20 -18.39 6.20
N ARG A 142 7.08 -19.71 6.27
CA ARG A 142 6.18 -20.39 7.18
C ARG A 142 6.72 -20.33 8.59
N ASP A 143 7.97 -19.97 8.73
CA ASP A 143 8.61 -19.86 10.04
C ASP A 143 7.77 -19.17 11.10
N GLY A 144 7.90 -19.66 12.32
CA GLY A 144 7.20 -19.08 13.43
C GLY A 144 7.48 -17.63 13.67
N GLU A 145 8.73 -17.23 13.64
CA GLU A 145 9.07 -15.85 13.93
C GLU A 145 8.48 -14.93 12.86
N GLU A 146 8.47 -15.39 11.64
CA GLU A 146 7.90 -14.63 10.55
C GLU A 146 6.41 -14.45 10.75
N LYS A 147 5.72 -15.50 11.13
CA LYS A 147 4.28 -15.44 11.40
C LYS A 147 3.98 -14.42 12.50
N THR A 148 4.75 -14.46 13.58
CA THR A 148 4.58 -13.48 14.68
C THR A 148 4.83 -12.03 14.21
N LYS A 149 5.92 -11.80 13.49
CA LYS A 149 6.21 -10.44 13.02
C LYS A 149 5.09 -9.91 12.09
N ALA A 150 4.65 -10.79 11.18
CA ALA A 150 3.60 -10.41 10.26
C ALA A 150 2.32 -10.08 11.03
N ALA A 151 1.98 -10.93 12.01
CA ALA A 151 0.80 -10.68 12.85
C ALA A 151 0.86 -9.32 13.54
N ARG A 152 2.04 -8.97 14.08
CA ARG A 152 2.17 -7.66 14.72
C ARG A 152 1.85 -6.55 13.74
N ILE A 153 2.48 -6.65 12.56
CA ILE A 153 2.21 -5.65 11.54
C ILE A 153 0.70 -5.54 11.26
N ILE A 154 0.05 -6.67 10.98
CA ILE A 154 -1.33 -6.59 10.51
C ILE A 154 -2.27 -6.07 11.62
N GLU A 155 -2.02 -6.45 12.88
CA GLU A 155 -2.86 -5.90 13.94
C GLU A 155 -2.71 -4.39 14.00
N ARG A 156 -1.47 -3.89 13.81
CA ARG A 156 -1.33 -2.43 13.79
C ARG A 156 -2.07 -1.79 12.63
N VAL A 157 -1.95 -2.38 11.45
CA VAL A 157 -2.75 -1.92 10.31
C VAL A 157 -4.27 -1.91 10.61
N LYS A 158 -4.76 -2.97 11.22
CA LYS A 158 -6.17 -3.01 11.56
C LYS A 158 -6.54 -1.94 12.58
N SER A 159 -5.69 -1.69 13.58
CA SER A 159 -6.05 -0.67 14.57
C SER A 159 -6.15 0.70 13.91
N LEU A 160 -5.35 0.90 12.87
CA LEU A 160 -5.25 2.20 12.21
C LEU A 160 -6.31 2.46 11.13
N SER A 161 -7.09 1.46 10.74
CA SER A 161 -7.89 1.64 9.54
C SER A 161 -9.25 1.00 9.57
N THR A 162 -10.11 1.56 8.72
CA THR A 162 -11.43 1.00 8.46
C THR A 162 -11.45 0.49 7.03
N PRO A 163 -11.78 -0.80 6.84
CA PRO A 163 -11.68 -1.38 5.50
C PRO A 163 -12.89 -1.10 4.60
N TYR A 164 -12.58 -0.73 3.36
CA TYR A 164 -13.55 -0.51 2.29
C TYR A 164 -13.14 -1.26 1.04
N PHE A 165 -14.05 -2.06 0.53
CA PHE A 165 -13.85 -2.80 -0.71
C PHE A 165 -14.34 -2.00 -1.92
N LEU A 166 -13.49 -1.92 -2.94
CA LEU A 166 -13.86 -1.32 -4.23
C LEU A 166 -13.80 -2.38 -5.29
N SER A 167 -14.97 -2.71 -5.76
CA SER A 167 -15.16 -3.79 -6.65
C SER A 167 -14.79 -3.45 -8.06
N GLY A 168 -14.45 -4.53 -8.73
CA GLY A 168 -14.23 -4.63 -10.13
C GLY A 168 -15.32 -3.86 -10.83
N SER B 1 8.05 -26.04 -14.08
CA SER B 1 7.73 -27.39 -14.62
C SER B 1 6.45 -27.35 -15.48
N ASN B 2 5.81 -26.19 -15.54
CA ASN B 2 4.67 -25.98 -16.43
C ASN B 2 4.52 -24.48 -16.69
N ALA B 3 3.64 -24.09 -17.61
CA ALA B 3 3.54 -22.69 -18.01
C ALA B 3 3.08 -21.74 -16.89
N MET B 4 2.23 -22.25 -16.02
CA MET B 4 1.77 -21.46 -14.93
C MET B 4 2.87 -21.11 -13.96
N MET B 5 3.68 -22.07 -13.58
CA MET B 5 4.81 -21.82 -12.70
C MET B 5 5.73 -20.76 -13.33
N VAL B 6 6.01 -20.92 -14.61
CA VAL B 6 6.85 -19.99 -15.34
C VAL B 6 6.31 -18.57 -15.27
N THR B 7 5.01 -18.42 -15.55
CA THR B 7 4.40 -17.11 -15.57
C THR B 7 4.53 -16.46 -14.20
N LYS B 8 4.31 -17.26 -13.16
CA LYS B 8 4.42 -16.74 -11.81
C LYS B 8 5.83 -16.29 -11.46
N GLU B 9 6.82 -17.12 -11.80
CA GLU B 9 8.19 -16.73 -11.46
C GLU B 9 8.61 -15.54 -12.33
N PHE B 10 8.10 -15.47 -13.56
CA PHE B 10 8.41 -14.33 -14.43
C PHE B 10 7.90 -13.04 -13.78
N LEU B 11 6.65 -13.06 -13.32
CA LEU B 11 6.10 -11.87 -12.64
C LEU B 11 6.89 -11.53 -11.39
N LYS B 12 7.19 -12.52 -10.56
CA LYS B 12 7.97 -12.25 -9.35
C LYS B 12 9.31 -11.62 -9.67
N THR B 13 9.97 -12.15 -10.69
CA THR B 13 11.27 -11.65 -11.08
C THR B 13 11.18 -10.23 -11.65
N LYS B 14 10.26 -10.00 -12.57
CA LYS B 14 10.25 -8.72 -13.28
C LYS B 14 9.60 -7.61 -12.49
N LEU B 15 8.64 -7.93 -11.64
CA LEU B 15 8.03 -6.90 -10.81
C LEU B 15 8.69 -6.83 -9.44
N GLU B 16 9.47 -7.84 -9.11
CA GLU B 16 10.17 -7.90 -7.82
C GLU B 16 9.12 -7.89 -6.71
N CYS B 17 8.27 -8.91 -6.74
CA CYS B 17 7.09 -8.94 -5.88
C CYS B 17 6.97 -10.30 -5.24
N SER B 18 6.00 -10.42 -4.34
CA SER B 18 5.75 -11.65 -3.64
C SER B 18 5.00 -12.63 -4.51
N ASP B 19 5.05 -13.88 -4.12
CA ASP B 19 4.26 -14.93 -4.74
C ASP B 19 2.77 -14.59 -4.74
N MET B 20 2.26 -14.14 -3.59
CA MET B 20 0.85 -13.83 -3.49
C MET B 20 0.40 -12.69 -4.39
N TYR B 21 1.23 -11.66 -4.48
CA TYR B 21 0.90 -10.56 -5.37
C TYR B 21 0.88 -11.03 -6.84
N ALA B 22 1.88 -11.83 -7.20
CA ALA B 22 1.94 -12.35 -8.57
C ALA B 22 0.70 -13.20 -8.87
N GLN B 23 0.32 -14.02 -7.91
CA GLN B 23 -0.88 -14.84 -8.07
C GLN B 23 -2.12 -13.98 -8.18
N LYS B 24 -2.14 -12.83 -7.49
CA LYS B 24 -3.27 -11.91 -7.63
C LYS B 24 -3.37 -11.42 -9.05
N LEU B 25 -2.24 -11.04 -9.63
CA LEU B 25 -2.24 -10.63 -11.03
C LEU B 25 -2.79 -11.73 -11.93
N ILE B 26 -2.26 -12.93 -11.73
CA ILE B 26 -2.67 -14.08 -12.55
C ILE B 26 -4.18 -14.30 -12.43
N ASP B 27 -4.68 -14.37 -11.20
CA ASP B 27 -6.12 -14.56 -10.97
C ASP B 27 -6.95 -13.48 -11.65
N GLU B 28 -6.55 -12.24 -11.47
CA GLU B 28 -7.24 -11.13 -12.11
C GLU B 28 -7.33 -11.31 -13.61
N ALA B 29 -6.28 -11.82 -14.24
CA ALA B 29 -6.35 -12.00 -15.69
C ALA B 29 -7.30 -13.12 -16.17
N GLN B 30 -7.60 -14.06 -15.28
CA GLN B 30 -8.52 -15.16 -15.57
C GLN B 30 -8.23 -15.92 -16.87
N GLY B 31 -6.95 -16.23 -17.10
CA GLY B 31 -6.55 -17.03 -18.25
C GLY B 31 -6.33 -16.29 -19.55
N ASP B 32 -6.68 -15.02 -19.60
CA ASP B 32 -6.43 -14.22 -20.79
C ASP B 32 -4.98 -13.72 -20.77
N GLU B 33 -4.18 -14.20 -21.70
CA GLU B 33 -2.75 -13.86 -21.77
C GLU B 33 -2.49 -12.40 -22.02
N ASN B 34 -3.25 -11.84 -22.95
CA ASN B 34 -3.08 -10.45 -23.34
C ASN B 34 -3.47 -9.54 -22.19
N ARG B 35 -4.53 -9.91 -21.49
CA ARG B 35 -4.97 -9.15 -20.34
C ARG B 35 -3.87 -9.17 -19.26
N LEU B 36 -3.25 -10.34 -19.05
CA LEU B 36 -2.21 -10.45 -18.04
C LEU B 36 -1.02 -9.61 -18.46
N TYR B 37 -0.64 -9.68 -19.73
CA TYR B 37 0.49 -8.90 -20.22
C TYR B 37 0.24 -7.40 -20.07
N ASP B 38 -0.97 -6.97 -20.42
CA ASP B 38 -1.33 -5.56 -20.28
C ASP B 38 -1.27 -5.11 -18.82
N LEU B 39 -1.75 -5.97 -17.93
CA LEU B 39 -1.68 -5.65 -16.52
C LEU B 39 -0.23 -5.57 -15.99
N PHE B 40 0.57 -6.55 -16.39
CA PHE B 40 1.98 -6.55 -16.11
C PHE B 40 2.60 -5.22 -16.52
N ILE B 41 2.38 -4.81 -17.76
CA ILE B 41 2.96 -3.55 -18.23
C ILE B 41 2.40 -2.33 -17.46
N GLN B 42 1.09 -2.31 -17.19
CA GLN B 42 0.56 -1.21 -16.35
C GLN B 42 1.31 -1.09 -15.02
N LYS B 43 1.51 -2.22 -14.35
CA LYS B 43 2.17 -2.14 -13.05
C LYS B 43 3.67 -1.90 -13.21
N LEU B 44 4.26 -2.46 -14.26
CA LEU B 44 5.67 -2.19 -14.56
C LEU B 44 5.86 -0.68 -14.75
N ALA B 45 4.95 -0.06 -15.48
CA ALA B 45 5.05 1.36 -15.71
C ALA B 45 4.90 2.13 -14.41
N GLU B 46 3.94 1.74 -13.58
CA GLU B 46 3.76 2.47 -12.34
C GLU B 46 5.00 2.34 -11.47
N ARG B 47 5.57 1.16 -11.42
CA ARG B 47 6.74 0.93 -10.57
C ARG B 47 7.95 1.77 -10.98
N HIS B 48 8.06 2.09 -12.26
CA HIS B 48 9.24 2.76 -12.77
C HIS B 48 8.98 4.22 -13.00
N THR B 49 7.80 4.68 -12.60
CA THR B 49 7.43 6.07 -12.83
C THR B 49 7.26 6.82 -11.50
N ARG B 50 6.68 6.17 -10.50
CA ARG B 50 6.34 6.84 -9.26
C ARG B 50 7.53 7.06 -8.31
N PRO B 51 7.66 8.28 -7.76
CA PRO B 51 8.58 8.53 -6.65
C PRO B 51 8.14 7.77 -5.38
N ALA B 52 9.09 7.42 -4.51
CA ALA B 52 8.79 6.72 -3.28
C ALA B 52 7.89 7.53 -2.35
N ILE B 53 8.18 8.81 -2.24
CA ILE B 53 7.47 9.67 -1.28
C ILE B 53 7.06 10.97 -1.94
N VAL B 54 5.78 11.31 -1.82
CA VAL B 54 5.24 12.56 -2.30
C VAL B 54 4.53 13.29 -1.19
N GLU B 55 5.03 14.50 -0.93
CA GLU B 55 4.48 15.36 0.11
C GLU B 55 3.49 16.35 -0.50
N TYR B 56 2.33 16.46 0.15
CA TYR B 56 1.30 17.40 -0.24
C TYR B 56 1.13 18.49 0.83
#